data_7BUC
#
_entry.id   7BUC
#
_cell.length_a   56.500
_cell.length_b   78.430
_cell.length_c   72.990
_cell.angle_alpha   90.000
_cell.angle_beta   91.620
_cell.angle_gamma   90.000
#
_symmetry.space_group_name_H-M   'P 1 21 1'
#
loop_
_entity.id
_entity.type
_entity.pdbx_description
1 polymer 'Histone-lysine N-methyltransferase EHMT2'
2 non-polymer 'ZINC ION'
3 non-polymer S-ADENOSYLMETHIONINE
4 non-polymer N2-[4-methoxy-3-(2,3,4,7-tetrahydro-1H-azepin-5-yl)phenyl]-N4,6-dimethyl-pyrimidine-2,4-diamine
5 water water
#
_entity_poly.entity_id   1
_entity_poly.type   'polypeptide(L)'
_entity_poly.pdbx_seq_one_letter_code
;GSNRAIRTEKIICRDVARGYENVPIPCVNGVDGEPCPEDYKYISENCETSTMNIDRNITHLQHCTCVDDCSSSNCLCGQL
SIRCWYDKDGRLLQEFNKIEPPLIFECNQACSCWRNCKNRVVQSGIKVRLQLYRTAKMGWGVRALQTIPQGTFICEYVGE
LISDAEADVREDDSYLFDLDNKDGEVYCIDARYYGNISRFINHLCDPNIIPVRVFMLHQDLRFPRIAFFSSRDIRTGEEL
GFDYGDRFWDIKSKYFTCQCGSEKCKHSAEAIALEQSRLARLD
;
_entity_poly.pdbx_strand_id   A,B
#
loop_
_chem_comp.id
_chem_comp.type
_chem_comp.name
_chem_comp.formula
F80 non-polymer N2-[4-methoxy-3-(2,3,4,7-tetrahydro-1H-azepin-5-yl)phenyl]-N4,6-dimethyl-pyrimidine-2,4-diamine 'C19 H25 N5 O'
SAM non-polymer S-ADENOSYLMETHIONINE 'C15 H22 N6 O5 S'
ZN non-polymer 'ZINC ION' 'Zn 2'
#
# COMPACT_ATOMS: atom_id res chain seq x y z
N THR A 8 -7.89 24.18 30.41
CA THR A 8 -8.48 22.80 30.47
C THR A 8 -8.34 22.12 29.11
N GLU A 9 -8.20 20.79 29.14
CA GLU A 9 -7.93 20.01 27.93
C GLU A 9 -9.23 19.58 27.26
N LYS A 10 -9.18 19.46 25.93
CA LYS A 10 -10.34 19.08 25.13
C LYS A 10 -9.88 18.50 23.79
N ILE A 11 -10.60 17.47 23.34
CA ILE A 11 -10.36 16.84 22.05
C ILE A 11 -10.81 17.80 20.94
N ILE A 12 -9.85 18.29 20.15
CA ILE A 12 -10.17 19.25 19.11
C ILE A 12 -10.31 18.55 17.76
N CYS A 13 -9.28 17.80 17.33
CA CYS A 13 -9.43 16.87 16.21
C CYS A 13 -9.53 15.46 16.78
N ARG A 14 -10.52 14.70 16.31
CA ARG A 14 -10.70 13.33 16.77
C ARG A 14 -9.64 12.42 16.14
N ASP A 15 -9.18 12.80 14.94
CA ASP A 15 -8.20 12.00 14.24
C ASP A 15 -7.53 12.83 13.15
N VAL A 16 -6.25 13.14 13.34
CA VAL A 16 -5.51 14.02 12.45
C VAL A 16 -5.11 13.27 11.19
N ALA A 17 -5.21 11.93 11.24
CA ALA A 17 -4.77 11.11 10.13
C ALA A 17 -5.96 10.76 9.24
N ARG A 18 -7.11 11.36 9.52
CA ARG A 18 -8.33 11.09 8.77
C ARG A 18 -8.43 9.60 8.51
N GLY A 19 -8.18 8.81 9.56
CA GLY A 19 -8.34 7.36 9.50
C GLY A 19 -7.45 6.70 8.45
N TYR A 20 -6.30 7.32 8.18
CA TYR A 20 -5.34 6.79 7.22
C TYR A 20 -4.35 5.89 7.94
N GLU A 21 -4.56 5.67 9.24
CA GLU A 21 -3.68 4.80 10.00
C GLU A 21 -4.48 3.65 10.60
N ASN A 22 -3.78 2.67 11.18
CA ASN A 22 -4.42 1.53 11.80
C ASN A 22 -5.27 2.00 12.97
N VAL A 23 -4.86 3.10 13.60
CA VAL A 23 -5.57 3.65 14.74
C VAL A 23 -5.76 5.15 14.52
N PRO A 24 -6.78 5.79 15.16
CA PRO A 24 -6.90 7.25 15.11
C PRO A 24 -5.87 7.90 16.02
N ILE A 25 -5.41 9.09 15.61
CA ILE A 25 -4.48 9.88 16.39
C ILE A 25 -5.13 11.24 16.63
N PRO A 26 -5.71 11.46 17.83
CA PRO A 26 -6.41 12.71 18.13
C PRO A 26 -5.47 13.82 18.62
N CYS A 27 -5.95 15.06 18.52
CA CYS A 27 -5.17 16.23 18.89
C CYS A 27 -5.90 16.99 20.00
N VAL A 28 -5.15 17.45 21.00
CA VAL A 28 -5.74 18.23 22.07
C VAL A 28 -4.87 19.45 22.34
N ASN A 29 -5.49 20.46 22.97
CA ASN A 29 -4.79 21.66 23.38
C ASN A 29 -5.35 22.10 24.73
N GLY A 30 -4.51 22.06 25.76
CA GLY A 30 -4.85 22.60 27.06
C GLY A 30 -3.80 23.59 27.53
N VAL A 31 -3.21 24.32 26.57
CA VAL A 31 -2.11 25.21 26.87
C VAL A 31 -2.39 26.61 26.30
N ASP A 32 -3.01 26.66 25.11
CA ASP A 32 -3.33 27.93 24.49
C ASP A 32 -4.51 27.77 23.55
N GLY A 33 -4.69 28.72 22.63
CA GLY A 33 -5.88 28.79 21.82
C GLY A 33 -5.62 28.49 20.34
N GLU A 34 -4.51 27.78 20.06
CA GLU A 34 -4.16 27.40 18.70
C GLU A 34 -4.97 26.18 18.29
N PRO A 35 -5.56 26.14 17.08
CA PRO A 35 -6.39 25.00 16.66
C PRO A 35 -5.60 23.84 16.05
N CYS A 36 -6.30 22.71 15.87
CA CYS A 36 -5.84 21.58 15.07
C CYS A 36 -5.10 22.15 13.87
N PRO A 37 -3.76 22.05 13.82
CA PRO A 37 -2.97 22.66 12.73
C PRO A 37 -3.41 22.11 11.37
N GLU A 38 -3.39 22.98 10.35
CA GLU A 38 -3.89 22.58 9.05
C GLU A 38 -3.05 23.22 7.95
N ASP A 39 -1.81 23.59 8.30
CA ASP A 39 -0.88 24.18 7.36
C ASP A 39 -0.04 23.10 6.69
N TYR A 40 -0.69 21.98 6.33
CA TYR A 40 -0.02 20.85 5.70
C TYR A 40 -1.07 19.80 5.33
N LYS A 41 -0.61 18.75 4.64
CA LYS A 41 -1.47 17.67 4.20
C LYS A 41 -1.02 16.38 4.86
N TYR A 42 -1.95 15.67 5.51
CA TYR A 42 -1.61 14.39 6.12
C TYR A 42 -1.57 13.29 5.06
N ILE A 43 -0.46 12.54 5.04
CA ILE A 43 -0.35 11.33 4.27
C ILE A 43 0.29 10.26 5.13
N SER A 44 -0.06 9.00 4.88
CA SER A 44 0.42 7.89 5.70
C SER A 44 1.64 7.25 5.03
N GLU A 45 1.81 7.52 3.74
CA GLU A 45 2.91 6.97 2.97
C GLU A 45 3.58 8.11 2.19
N ASN A 46 4.86 7.90 1.89
CA ASN A 46 5.66 8.92 1.22
C ASN A 46 5.06 9.22 -0.15
N CYS A 47 5.42 10.38 -0.68
CA CYS A 47 4.91 10.87 -1.95
C CYS A 47 6.03 11.55 -2.72
N GLU A 48 5.79 11.75 -4.02
CA GLU A 48 6.75 12.43 -4.88
C GLU A 48 6.11 13.70 -5.45
N THR A 49 6.96 14.67 -5.80
CA THR A 49 6.53 15.84 -6.55
C THR A 49 7.25 15.83 -7.90
N SER A 50 8.56 15.58 -7.86
CA SER A 50 9.33 15.35 -9.08
C SER A 50 9.40 13.85 -9.36
N THR A 51 10.08 13.49 -10.44
CA THR A 51 10.27 12.09 -10.76
C THR A 51 11.50 11.56 -10.02
N MET A 52 11.28 10.59 -9.14
CA MET A 52 12.35 10.01 -8.34
C MET A 52 12.75 8.67 -8.95
N ASN A 53 11.80 8.04 -9.65
CA ASN A 53 12.01 6.74 -10.26
C ASN A 53 12.66 5.80 -9.25
N ILE A 54 11.93 5.51 -8.17
CA ILE A 54 12.33 4.46 -7.24
C ILE A 54 12.33 3.15 -8.01
N ASP A 55 13.36 2.34 -7.80
CA ASP A 55 13.45 1.03 -8.44
C ASP A 55 12.41 0.10 -7.81
N ARG A 56 11.38 -0.26 -8.58
CA ARG A 56 10.29 -1.09 -8.10
C ARG A 56 10.31 -2.44 -8.83
N ASN A 57 11.48 -2.80 -9.37
CA ASN A 57 11.64 -4.02 -10.13
C ASN A 57 11.57 -5.21 -9.18
N ILE A 58 10.54 -6.05 -9.35
CA ILE A 58 10.26 -7.13 -8.42
C ILE A 58 11.41 -8.13 -8.42
N THR A 59 12.17 -8.19 -9.51
CA THR A 59 13.27 -9.14 -9.60
C THR A 59 14.50 -8.59 -8.90
N HIS A 60 14.55 -7.27 -8.71
CA HIS A 60 15.69 -6.68 -8.03
C HIS A 60 15.55 -6.89 -6.52
N LEU A 61 14.42 -7.46 -6.10
CA LEU A 61 14.13 -7.64 -4.68
C LEU A 61 14.89 -8.83 -4.12
N GLN A 62 15.65 -8.60 -3.04
CA GLN A 62 16.26 -9.67 -2.29
C GLN A 62 15.23 -10.28 -1.33
N HIS A 63 14.82 -11.51 -1.61
CA HIS A 63 13.73 -12.14 -0.88
C HIS A 63 14.26 -13.34 -0.09
N CYS A 64 13.39 -13.95 0.72
CA CYS A 64 13.72 -15.17 1.43
C CYS A 64 12.86 -16.30 0.88
N THR A 65 13.20 -17.54 1.25
CA THR A 65 12.51 -18.72 0.75
C THR A 65 11.81 -19.45 1.89
N CYS A 66 11.83 -18.84 3.09
CA CYS A 66 11.22 -19.42 4.28
C CYS A 66 9.79 -19.88 3.99
N VAL A 67 9.39 -20.98 4.64
CA VAL A 67 8.02 -21.45 4.56
C VAL A 67 7.45 -21.57 5.98
N ASP A 68 8.19 -21.03 6.97
CA ASP A 68 7.69 -20.92 8.33
C ASP A 68 7.18 -19.51 8.56
N ASP A 69 7.55 -18.91 9.70
CA ASP A 69 7.17 -17.54 10.01
C ASP A 69 8.40 -16.63 10.01
N CYS A 70 9.47 -17.09 9.36
CA CYS A 70 10.67 -16.28 9.16
C CYS A 70 11.34 -15.98 10.49
N SER A 71 11.14 -16.86 11.48
CA SER A 71 11.70 -16.68 12.81
C SER A 71 13.07 -17.36 12.92
N SER A 72 13.46 -18.09 11.88
CA SER A 72 14.75 -18.77 11.85
C SER A 72 15.85 -17.78 11.52
N SER A 73 17.11 -18.20 11.72
CA SER A 73 18.25 -17.36 11.38
C SER A 73 18.59 -17.57 9.90
N ASN A 74 17.94 -18.56 9.28
CA ASN A 74 18.22 -18.91 7.91
C ASN A 74 17.42 -18.02 6.97
N CYS A 75 16.59 -17.15 7.54
CA CYS A 75 15.89 -16.15 6.74
C CYS A 75 16.94 -15.22 6.12
N LEU A 76 16.98 -15.20 4.78
CA LEU A 76 17.95 -14.37 4.08
C LEU A 76 17.62 -12.90 4.34
N CYS A 77 16.33 -12.58 4.46
CA CYS A 77 15.89 -11.24 4.78
C CYS A 77 16.45 -10.85 6.15
N GLY A 78 16.49 -11.81 7.07
CA GLY A 78 17.02 -11.59 8.41
C GLY A 78 18.49 -12.01 8.52
N GLN A 79 19.23 -11.81 7.43
CA GLN A 79 20.67 -12.02 7.40
C GLN A 79 21.34 -10.75 6.86
N LEU A 80 20.64 -10.10 5.93
CA LEU A 80 21.10 -8.88 5.29
C LEU A 80 21.21 -7.76 6.32
N SER A 81 20.74 -8.05 7.54
CA SER A 81 20.91 -7.17 8.69
C SER A 81 21.62 -7.92 9.81
N ILE A 82 22.58 -8.78 9.44
CA ILE A 82 23.28 -9.64 10.38
C ILE A 82 22.28 -10.67 10.92
N ARG A 83 21.52 -10.26 11.94
CA ARG A 83 20.41 -11.03 12.46
C ARG A 83 19.10 -10.34 12.09
N CYS A 84 18.00 -11.09 12.11
CA CYS A 84 16.69 -10.45 12.14
C CYS A 84 16.52 -9.82 13.52
N TRP A 85 16.22 -8.52 13.56
CA TRP A 85 16.36 -7.77 14.80
C TRP A 85 15.03 -7.69 15.55
N TYR A 86 14.00 -8.37 15.04
CA TYR A 86 12.71 -8.37 15.72
C TYR A 86 12.57 -9.61 16.59
N ASP A 87 12.09 -9.42 17.82
CA ASP A 87 11.74 -10.53 18.69
C ASP A 87 10.43 -11.14 18.19
N LYS A 88 9.81 -11.97 19.03
CA LYS A 88 8.61 -12.69 18.63
C LYS A 88 7.40 -11.77 18.70
N ASP A 89 7.55 -10.66 19.43
CA ASP A 89 6.48 -9.70 19.62
C ASP A 89 6.79 -8.43 18.83
N GLY A 90 7.68 -8.56 17.84
CA GLY A 90 7.96 -7.51 16.89
C GLY A 90 8.67 -6.32 17.51
N ARG A 91 9.48 -6.59 18.54
CA ARG A 91 10.29 -5.55 19.16
C ARG A 91 11.74 -5.74 18.75
N LEU A 92 12.50 -4.64 18.77
CA LEU A 92 13.94 -4.71 18.53
C LEU A 92 14.60 -5.48 19.66
N LEU A 93 15.60 -6.29 19.33
CA LEU A 93 16.28 -7.11 20.31
C LEU A 93 16.90 -6.20 21.37
N GLN A 94 16.82 -6.63 22.63
CA GLN A 94 17.34 -5.87 23.75
C GLN A 94 18.82 -5.56 23.53
N GLU A 95 19.45 -6.33 22.63
CA GLU A 95 20.86 -6.18 22.32
C GLU A 95 21.04 -5.32 21.08
N PHE A 96 19.95 -4.68 20.63
CA PHE A 96 19.95 -3.97 19.36
C PHE A 96 20.91 -2.79 19.41
N ASN A 97 21.66 -2.60 18.31
CA ASN A 97 22.66 -1.56 18.21
C ASN A 97 21.96 -0.21 18.04
N LYS A 98 21.75 0.50 19.17
CA LYS A 98 20.88 1.65 19.24
C LYS A 98 21.63 2.94 18.84
N ILE A 99 22.94 2.82 18.62
CA ILE A 99 23.75 3.97 18.23
C ILE A 99 24.12 3.81 16.76
N GLU A 100 24.51 2.57 16.39
CA GLU A 100 24.79 2.23 15.02
C GLU A 100 23.67 1.34 14.49
N PRO A 101 22.49 1.91 14.15
CA PRO A 101 21.35 1.12 13.67
C PRO A 101 21.63 0.64 12.26
N PRO A 102 21.74 -0.68 12.03
CA PRO A 102 22.00 -1.21 10.70
C PRO A 102 20.78 -1.02 9.80
N LEU A 103 20.93 -1.39 8.52
CA LEU A 103 19.80 -1.36 7.62
C LEU A 103 18.92 -2.58 7.89
N ILE A 104 17.59 -2.38 7.86
CA ILE A 104 16.67 -3.47 8.06
C ILE A 104 15.96 -3.77 6.73
N PHE A 105 15.96 -5.06 6.36
CA PHE A 105 15.21 -5.50 5.18
C PHE A 105 14.07 -6.39 5.64
N GLU A 106 12.85 -5.84 5.65
CA GLU A 106 11.69 -6.63 5.98
C GLU A 106 11.39 -7.57 4.83
N CYS A 107 10.66 -8.66 5.11
CA CYS A 107 10.19 -9.53 4.05
C CYS A 107 9.31 -8.71 3.10
N ASN A 108 9.25 -9.13 1.83
CA ASN A 108 8.61 -8.34 0.80
C ASN A 108 7.71 -9.24 -0.05
N GLN A 109 7.24 -8.71 -1.18
CA GLN A 109 6.22 -9.40 -1.96
C GLN A 109 6.87 -10.44 -2.89
N ALA A 110 8.20 -10.55 -2.84
CA ALA A 110 8.90 -11.57 -3.59
C ALA A 110 9.23 -12.75 -2.68
N CYS A 111 9.10 -12.55 -1.37
CA CYS A 111 9.39 -13.61 -0.42
C CYS A 111 8.38 -14.73 -0.54
N SER A 112 8.69 -15.86 0.10
CA SER A 112 7.84 -17.03 0.08
C SER A 112 6.91 -17.00 1.30
N CYS A 113 7.36 -16.30 2.35
CA CYS A 113 6.66 -16.29 3.63
C CYS A 113 5.25 -15.73 3.47
N TRP A 114 4.46 -15.89 4.53
CA TRP A 114 3.11 -15.36 4.60
C TRP A 114 3.16 -13.92 5.11
N ARG A 115 2.17 -13.14 4.69
CA ARG A 115 2.09 -11.71 4.97
C ARG A 115 2.22 -11.45 6.47
N ASN A 116 2.14 -12.52 7.29
CA ASN A 116 2.06 -12.38 8.73
C ASN A 116 3.28 -12.99 9.40
N CYS A 117 4.44 -12.94 8.74
CA CYS A 117 5.65 -13.48 9.33
C CYS A 117 6.22 -12.49 10.32
N LYS A 118 7.31 -12.88 10.99
CA LYS A 118 7.85 -12.10 12.08
C LYS A 118 8.84 -11.05 11.58
N ASN A 119 8.85 -10.81 10.27
CA ASN A 119 9.80 -9.86 9.70
C ASN A 119 9.05 -8.81 8.87
N ARG A 120 7.98 -8.26 9.45
CA ARG A 120 7.14 -7.31 8.75
C ARG A 120 6.56 -6.29 9.74
N VAL A 121 7.41 -5.82 10.65
CA VAL A 121 6.93 -4.97 11.73
C VAL A 121 6.56 -3.59 11.19
N VAL A 122 7.53 -2.91 10.59
CA VAL A 122 7.35 -1.54 10.15
C VAL A 122 6.25 -1.48 9.11
N GLN A 123 6.21 -2.47 8.22
CA GLN A 123 5.28 -2.41 7.11
C GLN A 123 3.86 -2.66 7.59
N SER A 124 3.68 -2.89 8.90
CA SER A 124 2.36 -3.17 9.43
C SER A 124 1.71 -1.93 10.04
N GLY A 125 2.40 -0.79 9.97
CA GLY A 125 1.81 0.49 10.35
C GLY A 125 1.73 0.67 11.87
N ILE A 126 1.15 1.79 12.29
CA ILE A 126 1.14 2.19 13.69
C ILE A 126 0.21 1.26 14.48
N LYS A 127 0.63 0.96 15.71
CA LYS A 127 -0.07 0.03 16.59
C LYS A 127 -0.39 0.72 17.91
N VAL A 128 0.58 1.49 18.43
CA VAL A 128 0.44 2.16 19.72
C VAL A 128 -0.49 3.36 19.58
N ARG A 129 -1.09 3.78 20.71
CA ARG A 129 -1.99 4.91 20.71
C ARG A 129 -1.21 6.19 21.01
N LEU A 130 -1.21 7.10 20.03
CA LEU A 130 -0.50 8.36 20.12
C LEU A 130 -1.51 9.50 20.20
N GLN A 131 -1.00 10.68 20.58
CA GLN A 131 -1.83 11.86 20.71
C GLN A 131 -1.03 13.09 20.30
N LEU A 132 -1.64 13.92 19.44
CA LEU A 132 -1.09 15.21 19.12
C LEU A 132 -1.57 16.20 20.17
N TYR A 133 -0.63 16.87 20.84
CA TYR A 133 -0.96 17.69 21.98
C TYR A 133 -0.10 18.95 21.97
N ARG A 134 -0.62 20.01 22.59
CA ARG A 134 0.07 21.28 22.68
C ARG A 134 1.06 21.23 23.83
N THR A 135 2.35 21.46 23.52
CA THR A 135 3.38 21.42 24.54
C THR A 135 3.37 22.73 25.33
N ALA A 136 4.29 22.84 26.28
CA ALA A 136 4.37 24.01 27.13
C ALA A 136 5.16 25.10 26.41
N LYS A 137 6.23 24.71 25.71
CA LYS A 137 7.18 25.70 25.22
C LYS A 137 7.74 25.33 23.85
N MET A 138 7.19 24.28 23.21
CA MET A 138 7.77 23.81 21.95
C MET A 138 6.71 23.72 20.86
N GLY A 139 5.51 24.26 21.14
CA GLY A 139 4.42 24.20 20.19
C GLY A 139 3.70 22.85 20.27
N TRP A 140 3.49 22.23 19.09
CA TRP A 140 2.85 20.93 19.05
C TRP A 140 3.90 19.84 19.28
N GLY A 141 3.47 18.75 19.94
CA GLY A 141 4.32 17.59 20.13
C GLY A 141 3.51 16.30 20.13
N VAL A 142 4.20 15.16 20.22
CA VAL A 142 3.53 13.87 20.23
C VAL A 142 3.76 13.22 21.60
N ARG A 143 2.73 12.57 22.13
CA ARG A 143 2.90 11.86 23.39
C ARG A 143 2.19 10.51 23.31
N ALA A 144 2.60 9.59 24.20
CA ALA A 144 2.06 8.25 24.24
C ALA A 144 0.88 8.21 25.21
N LEU A 145 -0.18 7.51 24.80
CA LEU A 145 -1.37 7.32 25.62
C LEU A 145 -1.35 5.91 26.18
N GLN A 146 -0.16 5.37 26.39
CA GLN A 146 0.01 4.01 26.90
C GLN A 146 1.49 3.78 27.14
N THR A 147 1.82 2.83 28.03
CA THR A 147 3.22 2.47 28.16
C THR A 147 3.65 1.81 26.86
N ILE A 148 4.94 1.99 26.53
CA ILE A 148 5.51 1.40 25.34
C ILE A 148 6.81 0.71 25.74
N PRO A 149 6.86 -0.63 25.70
CA PRO A 149 8.09 -1.36 25.99
C PRO A 149 9.21 -0.91 25.04
N GLN A 150 10.43 -0.83 25.58
CA GLN A 150 11.61 -0.56 24.76
C GLN A 150 11.55 -1.45 23.52
N GLY A 151 11.99 -0.88 22.39
CA GLY A 151 12.16 -1.64 21.16
C GLY A 151 10.91 -1.67 20.30
N THR A 152 9.81 -1.07 20.78
CA THR A 152 8.57 -1.13 20.02
C THR A 152 8.64 -0.14 18.85
N PHE A 153 8.00 -0.51 17.74
CA PHE A 153 7.87 0.39 16.61
C PHE A 153 6.76 1.39 16.90
N ILE A 154 7.07 2.68 16.72
CA ILE A 154 6.16 3.75 17.07
C ILE A 154 5.41 4.21 15.83
N CYS A 155 6.14 4.87 14.92
CA CYS A 155 5.61 5.33 13.66
C CYS A 155 6.76 5.61 12.70
N GLU A 156 6.42 5.83 11.43
CA GLU A 156 7.38 6.05 10.37
C GLU A 156 7.53 7.54 10.15
N TYR A 157 8.75 8.01 9.82
CA TYR A 157 8.89 9.41 9.44
C TYR A 157 8.48 9.58 7.98
N VAL A 158 7.23 10.03 7.78
CA VAL A 158 6.69 10.10 6.44
C VAL A 158 6.64 11.55 5.99
N GLY A 159 6.90 11.76 4.70
CA GLY A 159 6.77 13.05 4.06
C GLY A 159 6.98 12.97 2.56
N GLU A 160 7.57 14.03 1.99
CA GLU A 160 7.78 14.11 0.56
C GLU A 160 9.25 13.89 0.27
N LEU A 161 9.53 13.13 -0.80
CA LEU A 161 10.89 12.80 -1.18
C LEU A 161 11.46 13.88 -2.09
N ILE A 162 12.60 14.44 -1.70
CA ILE A 162 13.26 15.48 -2.48
C ILE A 162 14.78 15.26 -2.46
N SER A 163 15.46 15.93 -3.40
CA SER A 163 16.91 15.88 -3.50
C SER A 163 17.53 16.94 -2.61
N ASP A 164 18.86 16.87 -2.44
CA ASP A 164 19.56 17.84 -1.62
C ASP A 164 19.45 19.22 -2.24
N ALA A 165 19.48 19.26 -3.57
CA ALA A 165 19.42 20.51 -4.33
C ALA A 165 18.05 21.15 -4.15
N GLU A 166 17.03 20.31 -3.92
CA GLU A 166 15.69 20.82 -3.68
C GLU A 166 15.57 21.32 -2.24
N ALA A 167 16.10 20.53 -1.31
CA ALA A 167 16.13 20.90 0.10
C ALA A 167 16.88 22.22 0.27
N ASP A 168 18.00 22.34 -0.44
CA ASP A 168 18.89 23.49 -0.32
C ASP A 168 18.10 24.79 -0.52
N VAL A 169 17.02 24.74 -1.31
CA VAL A 169 16.38 25.97 -1.74
C VAL A 169 14.91 26.01 -1.32
N ARG A 170 14.60 25.38 -0.19
CA ARG A 170 13.23 25.44 0.32
C ARG A 170 13.17 26.41 1.49
N GLU A 171 12.10 27.22 1.51
CA GLU A 171 11.96 28.28 2.50
C GLU A 171 12.07 27.68 3.90
N ASP A 172 11.22 26.70 4.21
CA ASP A 172 11.18 26.13 5.54
C ASP A 172 12.02 24.85 5.59
N ASP A 173 13.03 24.86 6.46
CA ASP A 173 13.91 23.71 6.61
C ASP A 173 13.60 23.02 7.94
N SER A 174 12.42 23.32 8.50
CA SER A 174 12.09 22.90 9.85
C SER A 174 11.76 21.42 9.91
N TYR A 175 11.40 20.83 8.76
CA TYR A 175 10.81 19.51 8.74
C TYR A 175 11.60 18.59 7.81
N LEU A 176 12.89 18.87 7.62
CA LEU A 176 13.72 18.04 6.77
C LEU A 176 14.19 16.81 7.53
N PHE A 177 14.38 15.71 6.80
CA PHE A 177 15.01 14.52 7.34
C PHE A 177 15.94 13.89 6.31
N ASP A 178 17.20 13.67 6.71
CA ASP A 178 18.26 13.20 5.84
C ASP A 178 18.20 11.68 5.73
N LEU A 179 18.22 11.17 4.49
CA LEU A 179 18.28 9.73 4.26
C LEU A 179 19.73 9.36 3.96
N ASP A 180 20.45 8.93 4.99
CA ASP A 180 21.88 8.69 4.83
C ASP A 180 22.11 7.49 3.92
N ASN A 181 22.75 7.77 2.79
CA ASN A 181 23.13 6.76 1.82
C ASN A 181 24.65 6.74 1.74
N LYS A 182 25.23 5.54 1.64
CA LYS A 182 26.67 5.39 1.52
C LYS A 182 27.18 6.21 0.33
N ASP A 183 26.66 5.90 -0.87
CA ASP A 183 27.28 6.39 -2.10
C ASP A 183 26.36 7.34 -2.86
N GLY A 184 26.98 8.14 -3.74
CA GLY A 184 26.28 8.90 -4.78
C GLY A 184 25.56 10.12 -4.22
N GLU A 185 24.43 10.47 -4.88
CA GLU A 185 23.63 11.62 -4.53
C GLU A 185 22.94 11.39 -3.20
N VAL A 186 22.45 12.48 -2.59
CA VAL A 186 21.84 12.41 -1.28
C VAL A 186 20.38 12.83 -1.39
N TYR A 187 19.55 12.37 -0.45
CA TYR A 187 18.12 12.62 -0.53
C TYR A 187 17.57 12.96 0.85
N CYS A 188 16.33 13.50 0.87
CA CYS A 188 15.69 14.01 2.06
C CYS A 188 14.20 13.72 2.04
N ILE A 189 13.60 13.69 3.23
CA ILE A 189 12.16 13.77 3.36
C ILE A 189 11.81 15.14 3.91
N ASP A 190 11.00 15.90 3.17
CA ASP A 190 10.46 17.13 3.70
C ASP A 190 9.02 16.87 4.15
N ALA A 191 8.76 17.06 5.44
CA ALA A 191 7.45 16.80 5.99
C ALA A 191 6.66 18.10 6.08
N ARG A 192 7.20 19.16 5.46
CA ARG A 192 6.65 20.51 5.55
C ARG A 192 5.25 20.57 4.96
N TYR A 193 5.12 20.24 3.67
CA TYR A 193 3.85 20.42 2.98
C TYR A 193 3.01 19.14 3.06
N TYR A 194 3.70 18.00 3.18
CA TYR A 194 3.10 16.69 3.27
C TYR A 194 3.79 15.91 4.39
N GLY A 195 3.00 15.23 5.24
CA GLY A 195 3.60 14.50 6.34
C GLY A 195 2.59 13.78 7.20
N ASN A 196 3.09 12.89 8.07
CA ASN A 196 2.26 12.15 8.99
C ASN A 196 2.54 12.64 10.40
N ILE A 197 1.99 11.92 11.38
CA ILE A 197 2.06 12.32 12.78
C ILE A 197 3.49 12.70 13.16
N SER A 198 4.48 12.04 12.57
CA SER A 198 5.84 12.13 13.09
C SER A 198 6.45 13.52 12.85
N ARG A 199 5.79 14.33 12.01
CA ARG A 199 6.28 15.67 11.71
C ARG A 199 6.16 16.55 12.95
N PHE A 200 5.46 16.05 13.99
CA PHE A 200 5.15 16.84 15.15
C PHE A 200 6.05 16.46 16.32
N ILE A 201 6.88 15.43 16.12
CA ILE A 201 7.82 15.00 17.14
C ILE A 201 8.89 16.08 17.31
N ASN A 202 9.14 16.44 18.57
CA ASN A 202 10.09 17.51 18.89
C ASN A 202 11.45 16.89 19.17
N HIS A 203 12.48 17.75 19.25
CA HIS A 203 13.81 17.29 19.60
C HIS A 203 13.94 17.18 21.11
N LEU A 204 14.42 16.03 21.58
CA LEU A 204 14.76 15.89 22.99
C LEU A 204 16.28 15.79 23.11
N CYS A 205 16.84 16.54 24.07
CA CYS A 205 18.26 16.40 24.36
C CYS A 205 18.52 15.02 24.96
N ASP A 206 17.54 14.53 25.72
CA ASP A 206 17.60 13.17 26.23
C ASP A 206 16.55 12.34 25.50
N PRO A 207 16.89 11.76 24.32
CA PRO A 207 15.88 11.15 23.44
C PRO A 207 15.30 9.86 23.99
N ASN A 208 14.16 9.43 23.43
CA ASN A 208 13.49 8.24 23.89
C ASN A 208 13.04 7.39 22.71
N ILE A 209 13.29 7.89 21.49
CA ILE A 209 13.09 7.10 20.29
C ILE A 209 14.32 7.25 19.40
N ILE A 210 14.51 6.31 18.48
CA ILE A 210 15.62 6.35 17.55
C ILE A 210 15.10 6.04 16.15
N PRO A 211 15.63 6.68 15.10
CA PRO A 211 15.29 6.32 13.72
C PRO A 211 16.09 5.11 13.27
N VAL A 212 15.47 4.31 12.39
CA VAL A 212 16.10 3.16 11.76
C VAL A 212 15.75 3.18 10.28
N ARG A 213 16.76 3.04 9.43
CA ARG A 213 16.53 2.97 7.99
C ARG A 213 16.02 1.57 7.65
N VAL A 214 14.85 1.50 7.00
CA VAL A 214 14.20 0.23 6.73
C VAL A 214 13.87 0.12 5.25
N PHE A 215 13.85 -1.12 4.74
CA PHE A 215 13.47 -1.40 3.37
C PHE A 215 12.36 -2.46 3.34
N MET A 216 11.34 -2.20 2.52
CA MET A 216 10.16 -3.06 2.53
C MET A 216 9.78 -3.47 1.10
N LEU A 217 8.87 -2.72 0.48
CA LEU A 217 8.32 -3.13 -0.81
C LEU A 217 9.36 -2.93 -1.91
N HIS A 218 10.42 -2.18 -1.61
CA HIS A 218 11.51 -1.97 -2.55
C HIS A 218 12.83 -1.87 -1.78
N GLN A 219 13.94 -1.96 -2.53
CA GLN A 219 15.27 -1.99 -1.94
C GLN A 219 16.20 -1.01 -2.65
N ASP A 220 15.61 0.09 -3.14
CA ASP A 220 16.38 1.18 -3.72
C ASP A 220 17.12 1.91 -2.60
N LEU A 221 18.44 1.68 -2.50
CA LEU A 221 19.22 2.10 -1.35
C LEU A 221 19.21 3.61 -1.19
N ARG A 222 18.81 4.33 -2.26
CA ARG A 222 18.72 5.77 -2.26
C ARG A 222 17.66 6.24 -1.25
N PHE A 223 16.63 5.40 -1.05
CA PHE A 223 15.46 5.85 -0.31
C PHE A 223 15.06 4.86 0.77
N PRO A 224 15.78 4.79 1.91
CA PRO A 224 15.31 3.99 3.05
C PRO A 224 14.10 4.71 3.64
N ARG A 225 13.15 3.92 4.16
CA ARG A 225 12.06 4.50 4.93
C ARG A 225 12.49 4.58 6.39
N ILE A 226 12.03 5.61 7.09
CA ILE A 226 12.55 5.91 8.41
C ILE A 226 11.52 5.52 9.46
N ALA A 227 11.90 4.57 10.32
CA ALA A 227 11.00 4.08 11.34
C ALA A 227 11.59 4.39 12.72
N PHE A 228 10.74 4.89 13.62
CA PHE A 228 11.16 5.21 14.96
C PHE A 228 10.77 4.08 15.90
N PHE A 229 11.72 3.60 16.70
CA PHE A 229 11.44 2.64 17.76
C PHE A 229 11.82 3.24 19.11
N SER A 230 11.09 2.83 20.15
CA SER A 230 11.35 3.28 21.50
C SER A 230 12.68 2.74 21.99
N SER A 231 13.56 3.64 22.45
CA SER A 231 14.88 3.25 22.90
C SER A 231 14.85 2.84 24.38
N ARG A 232 13.69 2.99 25.02
CA ARG A 232 13.50 2.61 26.41
C ARG A 232 12.00 2.58 26.69
N ASP A 233 11.62 2.03 27.85
CA ASP A 233 10.22 2.00 28.25
C ASP A 233 9.69 3.42 28.30
N ILE A 234 8.40 3.58 27.97
CA ILE A 234 7.82 4.91 27.91
C ILE A 234 6.50 4.91 28.66
N ARG A 235 6.40 5.81 29.65
CA ARG A 235 5.23 5.89 30.51
C ARG A 235 4.16 6.73 29.83
N THR A 236 2.90 6.33 30.02
CA THR A 236 1.76 7.05 29.46
C THR A 236 1.95 8.55 29.65
N GLY A 237 1.58 9.32 28.62
CA GLY A 237 1.56 10.77 28.70
C GLY A 237 2.92 11.38 28.37
N GLU A 238 3.95 10.53 28.37
CA GLU A 238 5.32 10.98 28.14
C GLU A 238 5.47 11.49 26.70
N GLU A 239 6.09 12.66 26.56
CA GLU A 239 6.37 13.22 25.24
C GLU A 239 7.40 12.34 24.55
N LEU A 240 7.33 12.29 23.22
CA LEU A 240 8.26 11.53 22.40
C LEU A 240 9.21 12.50 21.69
N GLY A 241 10.44 12.05 21.44
CA GLY A 241 11.42 12.89 20.80
C GLY A 241 12.71 12.15 20.48
N PHE A 242 13.27 12.45 19.32
CA PHE A 242 14.56 11.91 18.92
C PHE A 242 15.57 13.06 18.89
N ASP A 243 16.84 12.71 18.67
CA ASP A 243 17.90 13.70 18.65
C ASP A 243 18.06 14.23 17.23
N TYR A 244 17.72 15.50 17.03
CA TYR A 244 17.73 16.12 15.72
C TYR A 244 19.16 16.20 15.19
N GLY A 245 20.13 16.16 16.10
CA GLY A 245 21.54 16.19 15.73
C GLY A 245 22.03 17.60 15.44
N ASP A 246 23.35 17.74 15.25
CA ASP A 246 24.00 19.03 15.29
C ASP A 246 23.69 19.84 14.03
N ARG A 247 23.48 19.15 12.91
CA ARG A 247 23.23 19.86 11.66
C ARG A 247 22.11 20.87 11.86
N PHE A 248 21.05 20.43 12.55
CA PHE A 248 19.86 21.24 12.78
C PHE A 248 20.18 22.38 13.75
N TRP A 249 20.93 22.06 14.81
CA TRP A 249 21.12 23.01 15.89
C TRP A 249 22.09 24.11 15.48
N ASP A 250 23.16 23.72 14.77
CA ASP A 250 24.12 24.70 14.29
C ASP A 250 23.39 25.79 13.50
N ILE A 251 22.34 25.38 12.77
CA ILE A 251 21.60 26.31 11.92
C ILE A 251 20.59 27.09 12.76
N LYS A 252 19.96 26.40 13.73
CA LYS A 252 18.74 26.94 14.32
C LYS A 252 19.02 27.66 15.64
N SER A 253 20.19 27.43 16.24
CA SER A 253 20.50 27.98 17.56
C SER A 253 20.30 29.50 17.60
N LYS A 254 20.89 30.20 16.62
CA LYS A 254 20.86 31.66 16.60
C LYS A 254 19.43 32.17 16.47
N TYR A 255 18.49 31.27 16.17
CA TYR A 255 17.09 31.64 16.01
C TYR A 255 16.31 31.34 17.28
N PHE A 256 16.58 30.18 17.89
CA PHE A 256 15.93 29.83 19.14
C PHE A 256 16.74 28.79 19.91
N THR A 257 16.21 28.38 21.07
CA THR A 257 16.93 27.58 22.04
C THR A 257 16.09 26.38 22.46
N CYS A 258 16.76 25.29 22.83
CA CYS A 258 16.10 24.06 23.21
C CYS A 258 15.36 24.23 24.53
N GLN A 259 14.28 23.46 24.70
CA GLN A 259 13.36 23.63 25.81
C GLN A 259 13.04 22.27 26.42
N CYS A 260 13.77 21.22 26.01
CA CYS A 260 13.47 19.88 26.47
C CYS A 260 13.48 19.84 27.99
N GLY A 261 14.38 20.61 28.60
CA GLY A 261 14.40 20.78 30.04
C GLY A 261 15.38 19.83 30.73
N SER A 262 15.71 18.72 30.06
CA SER A 262 16.59 17.72 30.65
C SER A 262 17.83 18.39 31.20
N GLU A 263 18.29 17.94 32.37
CA GLU A 263 19.50 18.45 32.97
C GLU A 263 20.67 18.13 32.04
N LYS A 264 20.48 17.10 31.21
CA LYS A 264 21.50 16.65 30.28
C LYS A 264 21.47 17.53 29.03
N CYS A 265 20.56 18.51 29.02
CA CYS A 265 20.36 19.39 27.89
C CYS A 265 21.72 19.87 27.35
N LYS A 266 21.89 19.77 26.03
CA LYS A 266 23.13 20.10 25.39
C LYS A 266 22.95 21.31 24.47
N HIS A 267 21.74 21.89 24.49
CA HIS A 267 21.40 22.93 23.53
C HIS A 267 20.53 24.02 24.17
N SER A 268 20.51 24.07 25.51
CA SER A 268 19.80 25.14 26.19
C SER A 268 20.59 26.44 26.07
N ALA A 269 19.88 27.57 26.12
CA ALA A 269 20.49 28.89 26.04
C ALA A 269 21.63 28.98 27.05
N GLU A 270 21.49 28.26 28.16
CA GLU A 270 22.47 28.25 29.22
C GLU A 270 23.71 27.47 28.78
N ALA A 271 23.50 26.20 28.38
CA ALA A 271 24.61 25.34 27.99
C ALA A 271 25.30 25.88 26.75
N ILE A 272 24.52 26.59 25.91
CA ILE A 272 25.05 27.23 24.72
C ILE A 272 26.09 28.27 25.14
N ALA A 273 25.68 29.17 26.05
CA ALA A 273 26.52 30.28 26.46
C ALA A 273 27.71 29.77 27.29
N LEU A 274 27.54 28.59 27.90
CA LEU A 274 28.58 28.02 28.75
C LEU A 274 29.81 27.65 27.92
N GLU A 275 29.59 27.30 26.64
CA GLU A 275 30.67 26.89 25.77
C GLU A 275 31.36 28.12 25.16
N GLN A 276 30.58 29.18 24.90
CA GLN A 276 31.14 30.45 24.49
C GLN A 276 32.04 30.98 25.60
N SER A 277 31.59 30.77 26.85
CA SER A 277 32.35 31.16 28.04
C SER A 277 33.53 30.24 28.24
N ARG A 278 33.38 28.97 27.82
CA ARG A 278 34.46 27.99 27.92
C ARG A 278 35.49 28.26 26.83
N LEU A 279 35.06 28.90 25.73
CA LEU A 279 35.94 29.26 24.64
C LEU A 279 37.10 30.09 25.18
N ALA A 280 36.79 31.24 25.79
CA ALA A 280 37.80 32.09 26.38
C ALA A 280 37.62 32.14 27.90
N THR B 8 -15.56 -36.67 -2.92
CA THR B 8 -14.12 -37.08 -3.00
C THR B 8 -13.26 -35.83 -3.22
N GLU B 9 -13.40 -34.85 -2.30
CA GLU B 9 -12.86 -33.51 -2.47
C GLU B 9 -11.92 -33.15 -1.32
N LYS B 10 -10.71 -32.73 -1.68
CA LYS B 10 -9.69 -32.43 -0.69
C LYS B 10 -9.39 -30.93 -0.68
N ILE B 11 -9.00 -30.42 0.49
CA ILE B 11 -8.59 -29.03 0.66
C ILE B 11 -7.07 -28.96 0.62
N ILE B 12 -6.52 -28.19 -0.33
CA ILE B 12 -5.11 -28.30 -0.63
C ILE B 12 -4.32 -27.08 -0.15
N CYS B 13 -4.80 -25.87 -0.45
CA CYS B 13 -4.22 -24.67 0.14
C CYS B 13 -5.27 -24.01 1.02
N ARG B 14 -4.91 -23.70 2.26
CA ARG B 14 -5.79 -22.94 3.13
C ARG B 14 -6.04 -21.56 2.51
N ASP B 15 -4.96 -20.92 2.03
CA ASP B 15 -5.05 -19.61 1.42
C ASP B 15 -3.96 -19.45 0.36
N VAL B 16 -4.37 -19.33 -0.90
CA VAL B 16 -3.42 -19.23 -1.99
C VAL B 16 -2.83 -17.81 -2.02
N ALA B 17 -3.39 -16.91 -1.20
CA ALA B 17 -2.95 -15.53 -1.22
C ALA B 17 -1.94 -15.31 -0.10
N ARG B 18 -1.58 -16.40 0.58
CA ARG B 18 -0.64 -16.38 1.69
C ARG B 18 -0.93 -15.18 2.60
N GLY B 19 -2.21 -14.89 2.83
CA GLY B 19 -2.64 -13.92 3.82
C GLY B 19 -2.44 -12.46 3.36
N TYR B 20 -2.44 -12.25 2.05
CA TYR B 20 -2.18 -10.94 1.48
C TYR B 20 -3.50 -10.20 1.22
N GLU B 21 -4.60 -10.97 1.16
CA GLU B 21 -5.91 -10.39 0.94
C GLU B 21 -6.60 -10.21 2.29
N ASN B 22 -7.69 -9.44 2.28
CA ASN B 22 -8.50 -9.19 3.48
C ASN B 22 -9.04 -10.51 3.99
N VAL B 23 -9.19 -11.48 3.08
CA VAL B 23 -9.80 -12.76 3.39
C VAL B 23 -8.88 -13.86 2.88
N PRO B 24 -8.99 -15.10 3.42
CA PRO B 24 -8.31 -16.25 2.82
C PRO B 24 -9.02 -16.72 1.56
N ILE B 25 -8.22 -17.13 0.56
CA ILE B 25 -8.76 -17.77 -0.63
C ILE B 25 -8.22 -19.19 -0.71
N PRO B 26 -9.02 -20.20 -0.34
CA PRO B 26 -8.58 -21.59 -0.29
C PRO B 26 -8.75 -22.29 -1.63
N CYS B 27 -8.03 -23.41 -1.79
CA CYS B 27 -8.10 -24.18 -3.02
C CYS B 27 -8.54 -25.60 -2.70
N VAL B 28 -9.47 -26.12 -3.51
CA VAL B 28 -9.95 -27.48 -3.34
C VAL B 28 -9.96 -28.19 -4.68
N ASN B 29 -9.79 -29.50 -4.63
CA ASN B 29 -9.75 -30.33 -5.82
C ASN B 29 -10.62 -31.57 -5.59
N GLY B 30 -11.75 -31.63 -6.29
CA GLY B 30 -12.66 -32.76 -6.19
C GLY B 30 -12.73 -33.56 -7.48
N VAL B 31 -11.78 -33.31 -8.39
CA VAL B 31 -11.83 -33.91 -9.72
C VAL B 31 -10.64 -34.84 -9.94
N ASP B 32 -9.43 -34.29 -10.05
CA ASP B 32 -8.26 -35.11 -10.31
C ASP B 32 -7.27 -35.01 -9.15
N GLY B 33 -5.98 -35.14 -9.47
CA GLY B 33 -4.94 -35.21 -8.45
C GLY B 33 -3.93 -34.06 -8.55
N GLU B 34 -4.34 -32.98 -9.24
CA GLU B 34 -3.53 -31.79 -9.40
C GLU B 34 -3.49 -31.01 -8.08
N PRO B 35 -2.29 -30.63 -7.57
CA PRO B 35 -2.19 -29.85 -6.34
C PRO B 35 -2.27 -28.33 -6.49
N CYS B 36 -2.24 -27.62 -5.34
CA CYS B 36 -2.14 -26.17 -5.28
C CYS B 36 -1.14 -25.74 -6.36
N PRO B 37 -1.61 -25.06 -7.43
CA PRO B 37 -0.71 -24.53 -8.46
C PRO B 37 0.45 -23.78 -7.83
N GLU B 38 1.65 -23.87 -8.42
CA GLU B 38 2.84 -23.30 -7.80
C GLU B 38 3.86 -22.87 -8.84
N ASP B 39 3.41 -22.55 -10.06
CA ASP B 39 4.31 -22.07 -11.09
C ASP B 39 4.01 -20.60 -11.38
N TYR B 40 3.69 -19.86 -10.32
CA TYR B 40 3.45 -18.43 -10.39
C TYR B 40 3.64 -17.87 -8.98
N LYS B 41 3.82 -16.55 -8.89
CA LYS B 41 3.92 -15.91 -7.59
C LYS B 41 2.63 -15.14 -7.33
N TYR B 42 2.06 -15.34 -6.14
CA TYR B 42 0.85 -14.62 -5.78
C TYR B 42 1.20 -13.23 -5.25
N ILE B 43 0.58 -12.21 -5.84
CA ILE B 43 0.77 -10.84 -5.42
C ILE B 43 -0.59 -10.14 -5.37
N SER B 44 -0.77 -9.25 -4.40
CA SER B 44 -2.06 -8.61 -4.19
C SER B 44 -2.14 -7.32 -5.00
N GLU B 45 -0.99 -6.83 -5.43
CA GLU B 45 -0.89 -5.57 -6.15
C GLU B 45 -0.02 -5.76 -7.39
N ASN B 46 -0.33 -5.02 -8.45
CA ASN B 46 0.41 -5.05 -9.70
C ASN B 46 1.88 -4.75 -9.43
N CYS B 47 2.78 -5.44 -10.15
CA CYS B 47 4.20 -5.26 -9.99
C CYS B 47 4.82 -4.85 -11.32
N GLU B 48 6.10 -4.46 -11.28
CA GLU B 48 6.85 -4.13 -12.48
C GLU B 48 8.10 -5.00 -12.52
N THR B 49 8.55 -5.30 -13.73
CA THR B 49 9.89 -5.83 -13.91
C THR B 49 10.79 -4.68 -14.36
N SER B 50 10.63 -4.28 -15.63
CA SER B 50 11.31 -3.11 -16.17
C SER B 50 10.50 -1.86 -15.81
N THR B 51 11.14 -0.69 -15.95
CA THR B 51 10.55 0.57 -15.54
C THR B 51 9.37 0.91 -16.46
N MET B 52 8.22 1.22 -15.84
CA MET B 52 7.03 1.61 -16.57
C MET B 52 6.84 3.12 -16.49
N ASN B 53 7.62 3.75 -15.61
CA ASN B 53 7.59 5.19 -15.42
C ASN B 53 6.14 5.66 -15.25
N ILE B 54 5.46 5.14 -14.23
CA ILE B 54 4.13 5.63 -13.90
C ILE B 54 4.27 6.98 -13.22
N ASP B 55 3.29 7.86 -13.44
CA ASP B 55 3.33 9.19 -12.89
C ASP B 55 2.75 9.16 -11.48
N ARG B 56 3.63 9.27 -10.48
CA ARG B 56 3.23 9.16 -9.08
C ARG B 56 3.28 10.53 -8.41
N ASN B 57 3.37 11.59 -9.24
CA ASN B 57 3.47 12.95 -8.73
C ASN B 57 2.14 13.35 -8.11
N ILE B 58 2.18 13.65 -6.80
CA ILE B 58 0.98 13.84 -6.00
C ILE B 58 0.27 15.13 -6.44
N THR B 59 1.01 16.04 -7.08
CA THR B 59 0.45 17.30 -7.51
C THR B 59 -0.31 17.14 -8.82
N HIS B 60 -0.02 16.06 -9.55
CA HIS B 60 -0.71 15.78 -10.80
C HIS B 60 -1.99 15.01 -10.52
N LEU B 61 -2.33 14.90 -9.22
CA LEU B 61 -3.53 14.19 -8.81
C LEU B 61 -4.69 15.19 -8.75
N GLN B 62 -5.74 14.90 -9.51
CA GLN B 62 -6.98 15.66 -9.36
C GLN B 62 -7.69 15.14 -8.12
N HIS B 63 -7.89 16.05 -7.15
CA HIS B 63 -8.48 15.68 -5.88
C HIS B 63 -9.85 16.36 -5.72
N CYS B 64 -10.56 16.00 -4.65
CA CYS B 64 -11.76 16.71 -4.25
C CYS B 64 -11.50 17.43 -2.94
N THR B 65 -12.44 18.30 -2.55
CA THR B 65 -12.32 19.05 -1.30
C THR B 65 -13.61 18.93 -0.50
N CYS B 66 -14.13 17.70 -0.40
CA CYS B 66 -15.32 17.44 0.39
C CYS B 66 -14.91 17.30 1.86
N VAL B 67 -15.86 17.59 2.76
CA VAL B 67 -15.64 17.37 4.18
C VAL B 67 -16.57 16.25 4.64
N ASP B 68 -17.55 15.92 3.78
CA ASP B 68 -18.49 14.84 4.04
C ASP B 68 -17.89 13.52 3.55
N ASP B 69 -18.73 12.48 3.46
CA ASP B 69 -18.30 11.17 3.04
C ASP B 69 -18.31 11.08 1.51
N CYS B 70 -18.31 12.24 0.86
CA CYS B 70 -18.24 12.34 -0.59
C CYS B 70 -19.53 11.84 -1.25
N SER B 71 -20.66 11.99 -0.56
CA SER B 71 -21.95 11.61 -1.10
C SER B 71 -22.51 12.72 -2.00
N SER B 72 -21.98 13.93 -1.83
CA SER B 72 -22.48 15.10 -2.53
C SER B 72 -22.19 14.98 -4.03
N SER B 73 -23.11 15.50 -4.84
CA SER B 73 -22.93 15.55 -6.28
C SER B 73 -21.80 16.53 -6.63
N ASN B 74 -21.20 17.11 -5.57
CA ASN B 74 -20.23 18.18 -5.72
C ASN B 74 -18.81 17.64 -5.55
N CYS B 75 -18.70 16.34 -5.28
CA CYS B 75 -17.39 15.71 -5.16
C CYS B 75 -16.75 15.62 -6.54
N LEU B 76 -15.69 16.40 -6.74
CA LEU B 76 -15.02 16.49 -8.04
C LEU B 76 -14.69 15.10 -8.56
N CYS B 77 -14.07 14.28 -7.71
CA CYS B 77 -13.69 12.92 -8.07
C CYS B 77 -14.88 12.20 -8.70
N GLY B 78 -16.02 12.24 -8.00
CA GLY B 78 -17.26 11.67 -8.49
C GLY B 78 -17.57 12.16 -9.90
N GLN B 79 -17.39 13.47 -10.13
CA GLN B 79 -17.78 14.09 -11.39
C GLN B 79 -16.88 13.61 -12.51
N LEU B 80 -15.60 13.41 -12.19
CA LEU B 80 -14.62 12.95 -13.17
C LEU B 80 -15.11 11.66 -13.83
N SER B 81 -16.09 11.02 -13.18
CA SER B 81 -16.62 9.73 -13.61
C SER B 81 -18.06 9.90 -14.08
N ILE B 82 -18.35 11.09 -14.64
CA ILE B 82 -19.72 11.56 -14.80
C ILE B 82 -20.28 11.86 -13.42
N ARG B 83 -20.43 10.81 -12.61
CA ARG B 83 -20.84 10.91 -11.23
C ARG B 83 -20.23 9.73 -10.46
N CYS B 84 -20.37 9.74 -9.13
CA CYS B 84 -19.96 8.59 -8.34
C CYS B 84 -20.99 7.47 -8.53
N TRP B 85 -20.49 6.27 -8.85
CA TRP B 85 -21.35 5.18 -9.28
C TRP B 85 -21.52 4.14 -8.17
N TYR B 86 -21.07 4.47 -6.96
CA TYR B 86 -21.17 3.54 -5.85
C TYR B 86 -22.34 3.92 -4.95
N ASP B 87 -23.17 2.93 -4.60
CA ASP B 87 -24.28 3.13 -3.68
C ASP B 87 -23.75 3.11 -2.25
N LYS B 88 -24.68 3.10 -1.29
CA LYS B 88 -24.35 3.27 0.12
C LYS B 88 -23.53 2.09 0.62
N ASP B 89 -23.62 0.96 -0.08
CA ASP B 89 -22.99 -0.27 0.36
C ASP B 89 -21.83 -0.62 -0.57
N GLY B 90 -21.49 0.33 -1.46
CA GLY B 90 -20.29 0.22 -2.27
C GLY B 90 -20.56 -0.45 -3.62
N ARG B 91 -21.82 -0.82 -3.86
CA ARG B 91 -22.22 -1.51 -5.08
C ARG B 91 -22.54 -0.49 -6.18
N LEU B 92 -22.32 -0.89 -7.43
CA LEU B 92 -22.64 -0.02 -8.56
C LEU B 92 -24.14 0.24 -8.59
N LEU B 93 -24.53 1.30 -9.30
CA LEU B 93 -25.92 1.70 -9.43
C LEU B 93 -26.60 0.82 -10.48
N GLN B 94 -27.86 0.48 -10.23
CA GLN B 94 -28.62 -0.38 -11.13
C GLN B 94 -28.65 0.23 -12.52
N GLU B 95 -28.38 1.54 -12.60
CA GLU B 95 -28.39 2.25 -13.87
C GLU B 95 -26.95 2.45 -14.36
N PHE B 96 -26.10 1.45 -14.14
CA PHE B 96 -24.71 1.56 -14.53
C PHE B 96 -24.52 1.05 -15.95
N ASN B 97 -23.70 1.75 -16.73
CA ASN B 97 -23.43 1.35 -18.09
C ASN B 97 -22.62 0.05 -18.09
N LYS B 98 -23.32 -1.08 -18.22
CA LYS B 98 -22.72 -2.40 -18.11
C LYS B 98 -22.01 -2.79 -19.42
N ILE B 99 -22.44 -2.19 -20.53
CA ILE B 99 -21.90 -2.52 -21.83
C ILE B 99 -20.53 -1.89 -21.97
N GLU B 100 -20.50 -0.54 -21.98
CA GLU B 100 -19.26 0.20 -22.03
C GLU B 100 -19.18 1.07 -20.78
N PRO B 101 -18.51 0.58 -19.70
CA PRO B 101 -18.49 1.30 -18.43
C PRO B 101 -17.45 2.42 -18.45
N PRO B 102 -17.72 3.54 -17.73
CA PRO B 102 -16.78 4.66 -17.69
C PRO B 102 -15.63 4.34 -16.74
N LEU B 103 -14.54 5.12 -16.86
CA LEU B 103 -13.45 5.06 -15.90
C LEU B 103 -13.97 5.53 -14.55
N ILE B 104 -13.52 4.89 -13.46
CA ILE B 104 -13.90 5.30 -12.13
C ILE B 104 -12.69 5.92 -11.44
N PHE B 105 -12.81 7.20 -11.08
CA PHE B 105 -11.79 7.85 -10.28
C PHE B 105 -12.20 7.77 -8.82
N GLU B 106 -11.49 6.93 -8.04
CA GLU B 106 -11.74 6.84 -6.61
C GLU B 106 -11.00 8.00 -5.93
N CYS B 107 -11.31 8.23 -4.65
CA CYS B 107 -10.66 9.28 -3.87
C CYS B 107 -9.22 8.86 -3.61
N ASN B 108 -8.35 9.86 -3.43
CA ASN B 108 -6.92 9.59 -3.33
C ASN B 108 -6.33 10.27 -2.09
N GLN B 109 -5.00 10.22 -1.98
CA GLN B 109 -4.34 10.67 -0.76
C GLN B 109 -4.23 12.19 -0.75
N ALA B 110 -4.57 12.84 -1.88
CA ALA B 110 -4.53 14.29 -1.96
C ALA B 110 -5.93 14.86 -1.72
N CYS B 111 -6.94 13.99 -1.78
CA CYS B 111 -8.31 14.38 -1.48
C CYS B 111 -8.42 14.82 -0.03
N SER B 112 -9.37 15.73 0.22
CA SER B 112 -9.61 16.27 1.56
C SER B 112 -10.33 15.23 2.42
N CYS B 113 -11.05 14.31 1.78
CA CYS B 113 -11.99 13.42 2.47
C CYS B 113 -11.26 12.45 3.39
N TRP B 114 -12.03 11.62 4.08
CA TRP B 114 -11.48 10.58 4.96
C TRP B 114 -11.31 9.28 4.19
N ARG B 115 -10.47 8.39 4.75
CA ARG B 115 -10.12 7.13 4.13
C ARG B 115 -11.35 6.21 4.03
N ASN B 116 -12.44 6.60 4.69
CA ASN B 116 -13.62 5.74 4.76
C ASN B 116 -14.75 6.31 3.90
N CYS B 117 -14.43 7.24 2.99
CA CYS B 117 -15.48 7.88 2.22
C CYS B 117 -16.11 6.88 1.24
N LYS B 118 -17.15 7.32 0.53
CA LYS B 118 -17.97 6.43 -0.27
C LYS B 118 -17.25 6.07 -1.57
N ASN B 119 -16.13 6.74 -1.85
CA ASN B 119 -15.50 6.60 -3.15
C ASN B 119 -14.14 5.91 -2.99
N ARG B 120 -14.14 4.72 -2.39
CA ARG B 120 -12.90 4.00 -2.16
C ARG B 120 -13.17 2.49 -2.12
N VAL B 121 -14.05 2.00 -2.99
CA VAL B 121 -14.47 0.61 -2.91
C VAL B 121 -13.33 -0.31 -3.33
N VAL B 122 -12.89 -0.13 -4.57
CA VAL B 122 -11.92 -1.03 -5.19
C VAL B 122 -10.63 -1.00 -4.38
N GLN B 123 -10.28 0.15 -3.81
CA GLN B 123 -9.00 0.29 -3.14
C GLN B 123 -9.05 -0.36 -1.76
N SER B 124 -10.21 -0.89 -1.39
CA SER B 124 -10.42 -1.40 -0.05
C SER B 124 -10.23 -2.92 0.00
N GLY B 125 -9.98 -3.50 -1.18
CA GLY B 125 -9.60 -4.90 -1.28
C GLY B 125 -10.79 -5.84 -1.42
N ILE B 126 -10.52 -7.14 -1.44
CA ILE B 126 -11.54 -8.17 -1.61
C ILE B 126 -12.35 -8.27 -0.33
N LYS B 127 -13.67 -8.40 -0.47
CA LYS B 127 -14.56 -8.52 0.68
C LYS B 127 -15.31 -9.86 0.62
N VAL B 128 -15.68 -10.27 -0.59
CA VAL B 128 -16.46 -11.48 -0.76
C VAL B 128 -15.57 -12.70 -0.62
N ARG B 129 -16.16 -13.83 -0.24
CA ARG B 129 -15.41 -15.07 -0.03
C ARG B 129 -15.35 -15.84 -1.35
N LEU B 130 -14.13 -16.02 -1.86
CA LEU B 130 -13.91 -16.71 -3.10
C LEU B 130 -13.24 -18.06 -2.83
N GLN B 131 -13.25 -18.94 -3.83
CA GLN B 131 -12.58 -20.22 -3.68
C GLN B 131 -12.02 -20.68 -5.01
N LEU B 132 -10.73 -21.05 -5.00
CA LEU B 132 -10.08 -21.66 -6.14
C LEU B 132 -10.37 -23.16 -6.14
N TYR B 133 -10.87 -23.66 -7.27
CA TYR B 133 -11.30 -25.05 -7.33
C TYR B 133 -11.06 -25.61 -8.72
N ARG B 134 -11.02 -26.94 -8.80
CA ARG B 134 -10.76 -27.67 -10.03
C ARG B 134 -12.06 -27.89 -10.77
N THR B 135 -12.21 -27.27 -11.95
CA THR B 135 -13.42 -27.41 -12.73
C THR B 135 -13.44 -28.79 -13.38
N ALA B 136 -14.45 -29.04 -14.21
CA ALA B 136 -14.61 -30.35 -14.83
C ALA B 136 -13.72 -30.44 -16.05
N LYS B 137 -13.75 -29.41 -16.89
CA LYS B 137 -13.08 -29.46 -18.18
C LYS B 137 -12.27 -28.19 -18.43
N MET B 138 -12.07 -27.37 -17.40
CA MET B 138 -11.43 -26.07 -17.60
C MET B 138 -10.28 -25.85 -16.61
N GLY B 139 -9.73 -26.95 -16.09
CA GLY B 139 -8.65 -26.84 -15.11
C GLY B 139 -9.11 -26.15 -13.84
N TRP B 140 -8.34 -25.16 -13.40
CA TRP B 140 -8.70 -24.40 -12.20
C TRP B 140 -9.74 -23.34 -12.55
N GLY B 141 -10.53 -22.95 -11.55
CA GLY B 141 -11.51 -21.88 -11.68
C GLY B 141 -11.78 -21.21 -10.33
N VAL B 142 -12.53 -20.10 -10.36
CA VAL B 142 -12.87 -19.38 -9.15
C VAL B 142 -14.38 -19.40 -9.00
N ARG B 143 -14.87 -19.76 -7.81
CA ARG B 143 -16.31 -19.73 -7.57
C ARG B 143 -16.60 -18.96 -6.28
N ALA B 144 -17.89 -18.65 -6.09
CA ALA B 144 -18.34 -17.90 -4.93
C ALA B 144 -18.63 -18.87 -3.79
N LEU B 145 -18.53 -18.37 -2.55
CA LEU B 145 -18.93 -19.16 -1.39
C LEU B 145 -20.17 -18.53 -0.77
N GLN B 146 -20.54 -17.34 -1.28
CA GLN B 146 -21.70 -16.64 -0.80
C GLN B 146 -22.47 -16.09 -2.00
N THR B 147 -23.72 -15.68 -1.78
CA THR B 147 -24.42 -14.98 -2.84
C THR B 147 -23.77 -13.61 -2.97
N ILE B 148 -23.72 -13.10 -4.19
CA ILE B 148 -23.06 -11.84 -4.44
C ILE B 148 -24.02 -10.92 -5.18
N PRO B 149 -24.57 -9.91 -4.50
CA PRO B 149 -25.50 -8.96 -5.13
C PRO B 149 -24.86 -8.32 -6.37
N GLN B 150 -25.68 -8.08 -7.39
CA GLN B 150 -25.24 -7.40 -8.60
C GLN B 150 -24.50 -6.12 -8.22
N GLY B 151 -23.48 -5.77 -9.00
CA GLY B 151 -22.77 -4.52 -8.84
C GLY B 151 -21.76 -4.55 -7.70
N THR B 152 -21.61 -5.72 -7.06
CA THR B 152 -20.61 -5.88 -6.01
C THR B 152 -19.22 -5.96 -6.63
N PHE B 153 -18.24 -5.38 -5.94
CA PHE B 153 -16.85 -5.50 -6.34
C PHE B 153 -16.32 -6.86 -5.86
N ILE B 154 -15.60 -7.55 -6.76
CA ILE B 154 -15.15 -8.91 -6.54
C ILE B 154 -13.65 -8.89 -6.25
N CYS B 155 -12.85 -8.67 -7.29
CA CYS B 155 -11.40 -8.63 -7.17
C CYS B 155 -10.80 -7.84 -8.33
N GLU B 156 -9.51 -7.55 -8.24
CA GLU B 156 -8.81 -6.83 -9.28
C GLU B 156 -8.02 -7.83 -10.12
N TYR B 157 -7.84 -7.52 -11.41
CA TYR B 157 -6.95 -8.32 -12.24
C TYR B 157 -5.52 -7.85 -12.02
N VAL B 158 -4.77 -8.62 -11.22
CA VAL B 158 -3.44 -8.21 -10.80
C VAL B 158 -2.40 -9.04 -11.55
N GLY B 159 -1.30 -8.37 -11.93
CA GLY B 159 -0.21 -9.03 -12.63
C GLY B 159 0.98 -8.11 -12.84
N GLU B 160 1.73 -8.39 -13.92
CA GLU B 160 2.95 -7.67 -14.23
C GLU B 160 2.69 -6.76 -15.42
N LEU B 161 3.00 -5.47 -15.24
CA LEU B 161 2.77 -4.49 -16.29
C LEU B 161 3.87 -4.61 -17.33
N ILE B 162 3.46 -4.69 -18.60
CA ILE B 162 4.38 -4.86 -19.72
C ILE B 162 3.84 -4.06 -20.90
N SER B 163 4.74 -3.69 -21.81
CA SER B 163 4.38 -3.06 -23.07
C SER B 163 3.85 -4.11 -24.03
N ASP B 164 3.25 -3.66 -25.15
CA ASP B 164 2.76 -4.58 -26.17
C ASP B 164 3.94 -5.18 -26.93
N ALA B 165 5.08 -4.48 -26.91
CA ALA B 165 6.32 -5.00 -27.47
C ALA B 165 6.77 -6.20 -26.65
N GLU B 166 6.74 -6.06 -25.32
CA GLU B 166 7.11 -7.12 -24.40
C GLU B 166 6.13 -8.29 -24.55
N ALA B 167 4.84 -7.96 -24.57
CA ALA B 167 3.79 -8.98 -24.64
C ALA B 167 3.91 -9.79 -25.93
N ASP B 168 4.31 -9.11 -27.02
CA ASP B 168 4.34 -9.70 -28.35
C ASP B 168 5.36 -10.83 -28.39
N VAL B 169 6.31 -10.85 -27.45
CA VAL B 169 7.35 -11.87 -27.48
C VAL B 169 7.34 -12.68 -26.19
N ARG B 170 6.21 -12.70 -25.47
CA ARG B 170 6.09 -13.55 -24.29
C ARG B 170 5.69 -14.95 -24.74
N GLU B 171 6.28 -15.97 -24.09
CA GLU B 171 6.07 -17.35 -24.52
C GLU B 171 4.59 -17.69 -24.43
N ASP B 172 3.97 -17.34 -23.30
CA ASP B 172 2.60 -17.71 -23.00
C ASP B 172 1.75 -16.45 -22.97
N ASP B 173 0.65 -16.45 -23.73
CA ASP B 173 -0.22 -15.28 -23.82
C ASP B 173 -1.56 -15.59 -23.15
N SER B 174 -1.55 -16.51 -22.18
CA SER B 174 -2.77 -17.04 -21.60
C SER B 174 -3.27 -16.17 -20.46
N TYR B 175 -2.38 -15.32 -19.94
CA TYR B 175 -2.69 -14.55 -18.76
C TYR B 175 -2.52 -13.07 -19.06
N LEU B 176 -2.81 -12.71 -20.31
CA LEU B 176 -2.73 -11.32 -20.74
C LEU B 176 -4.09 -10.66 -20.57
N PHE B 177 -4.09 -9.48 -19.95
CA PHE B 177 -5.27 -8.63 -19.91
C PHE B 177 -4.89 -7.24 -20.44
N ASP B 178 -5.76 -6.70 -21.32
CA ASP B 178 -5.44 -5.53 -22.12
C ASP B 178 -6.03 -4.27 -21.49
N LEU B 179 -5.28 -3.16 -21.60
CA LEU B 179 -5.71 -1.85 -21.15
C LEU B 179 -5.89 -0.95 -22.37
N ASP B 180 -6.75 0.08 -22.24
CA ASP B 180 -7.01 0.99 -23.34
C ASP B 180 -6.50 2.39 -23.00
N GLU B 185 -0.28 4.73 -26.45
CA GLU B 185 0.60 3.73 -25.79
C GLU B 185 -0.26 2.57 -25.28
N VAL B 186 0.08 1.36 -25.72
CA VAL B 186 -0.62 0.15 -25.30
C VAL B 186 0.23 -0.58 -24.27
N TYR B 187 -0.42 -1.00 -23.17
CA TYR B 187 0.25 -1.75 -22.13
C TYR B 187 -0.64 -2.92 -21.70
N CYS B 188 -0.08 -3.83 -20.91
CA CYS B 188 -0.76 -5.06 -20.56
C CYS B 188 -0.43 -5.49 -19.15
N ILE B 189 -1.34 -6.27 -18.57
CA ILE B 189 -1.08 -7.02 -17.36
C ILE B 189 -0.91 -8.49 -17.75
N ASP B 190 0.26 -9.04 -17.43
CA ASP B 190 0.53 -10.45 -17.65
C ASP B 190 0.59 -11.15 -16.30
N ALA B 191 -0.40 -12.00 -16.05
CA ALA B 191 -0.50 -12.71 -14.77
C ALA B 191 0.17 -14.07 -14.85
N ARG B 192 1.11 -14.25 -15.78
CA ARG B 192 1.72 -15.56 -15.97
C ARG B 192 2.68 -15.87 -14.82
N TYR B 193 3.62 -14.95 -14.57
CA TYR B 193 4.68 -15.23 -13.61
C TYR B 193 4.35 -14.58 -12.27
N TYR B 194 3.51 -13.54 -12.34
CA TYR B 194 3.01 -12.85 -11.16
C TYR B 194 1.53 -12.56 -11.36
N GLY B 195 0.71 -12.98 -10.40
CA GLY B 195 -0.73 -12.74 -10.47
C GLY B 195 -1.42 -13.00 -9.14
N ASN B 196 -2.71 -12.67 -9.09
CA ASN B 196 -3.53 -12.98 -7.93
C ASN B 196 -4.64 -13.91 -8.38
N ILE B 197 -5.70 -13.99 -7.56
CA ILE B 197 -6.74 -14.99 -7.74
C ILE B 197 -7.37 -14.85 -9.12
N SER B 198 -7.34 -13.64 -9.69
CA SER B 198 -8.10 -13.34 -10.89
C SER B 198 -7.48 -14.04 -12.10
N ARG B 199 -6.24 -14.52 -11.93
CA ARG B 199 -5.52 -15.21 -12.99
C ARG B 199 -6.20 -16.56 -13.28
N PHE B 200 -7.10 -16.98 -12.40
CA PHE B 200 -7.71 -18.29 -12.51
C PHE B 200 -9.19 -18.17 -12.91
N ILE B 201 -9.65 -16.96 -13.21
CA ILE B 201 -11.03 -16.81 -13.64
C ILE B 201 -11.14 -17.25 -15.10
N ASN B 202 -12.04 -18.21 -15.35
CA ASN B 202 -12.21 -18.75 -16.68
C ASN B 202 -13.08 -17.81 -17.52
N HIS B 203 -13.19 -18.12 -18.81
CA HIS B 203 -14.04 -17.38 -19.73
C HIS B 203 -15.44 -17.98 -19.76
N LEU B 204 -16.45 -17.14 -19.62
CA LEU B 204 -17.82 -17.55 -19.85
C LEU B 204 -18.39 -16.74 -21.00
N CYS B 205 -19.18 -17.40 -21.85
CA CYS B 205 -19.92 -16.70 -22.90
C CYS B 205 -21.09 -15.98 -22.26
N ASP B 206 -21.48 -16.46 -21.07
CA ASP B 206 -22.50 -15.80 -20.26
C ASP B 206 -21.83 -15.23 -19.02
N PRO B 207 -21.15 -14.07 -19.11
CA PRO B 207 -20.26 -13.59 -18.05
C PRO B 207 -20.99 -12.90 -16.91
N ASN B 208 -20.73 -13.34 -15.68
CA ASN B 208 -21.41 -12.80 -14.51
C ASN B 208 -20.55 -11.71 -13.88
N ILE B 209 -19.42 -11.39 -14.51
CA ILE B 209 -18.60 -10.27 -14.04
C ILE B 209 -18.13 -9.44 -15.24
N ILE B 210 -17.84 -8.16 -15.00
CA ILE B 210 -17.36 -7.26 -16.04
C ILE B 210 -16.11 -6.54 -15.53
N PRO B 211 -15.14 -6.23 -16.43
CA PRO B 211 -14.00 -5.39 -16.06
C PRO B 211 -14.38 -3.91 -16.06
N VAL B 212 -13.81 -3.16 -15.09
CA VAL B 212 -13.92 -1.72 -15.06
C VAL B 212 -12.52 -1.14 -14.83
N ARG B 213 -12.19 -0.08 -15.58
CA ARG B 213 -10.91 0.59 -15.43
C ARG B 213 -11.04 1.61 -14.30
N VAL B 214 -10.10 1.58 -13.36
CA VAL B 214 -10.18 2.43 -12.19
C VAL B 214 -8.85 3.12 -11.95
N PHE B 215 -8.91 4.27 -11.28
CA PHE B 215 -7.71 4.97 -10.82
C PHE B 215 -7.84 5.23 -9.33
N MET B 216 -6.70 5.13 -8.63
CA MET B 216 -6.71 5.23 -7.19
C MET B 216 -5.56 6.12 -6.72
N LEU B 217 -4.41 5.52 -6.42
CA LEU B 217 -3.30 6.26 -5.84
C LEU B 217 -2.67 7.19 -6.86
N HIS B 218 -2.83 6.86 -8.15
CA HIS B 218 -2.29 7.69 -9.21
C HIS B 218 -3.32 7.86 -10.31
N GLN B 219 -3.04 8.75 -11.26
CA GLN B 219 -3.98 9.04 -12.32
C GLN B 219 -3.28 9.02 -13.68
N ASP B 220 -2.19 8.25 -13.77
CA ASP B 220 -1.48 8.02 -15.02
C ASP B 220 -2.37 7.17 -15.93
N LEU B 221 -3.02 7.85 -16.90
CA LEU B 221 -4.11 7.29 -17.68
C LEU B 221 -3.66 6.09 -18.50
N ARG B 222 -2.34 5.92 -18.65
CA ARG B 222 -1.82 4.77 -19.38
C ARG B 222 -2.07 3.50 -18.57
N PHE B 223 -2.26 3.63 -17.25
CA PHE B 223 -2.27 2.47 -16.38
C PHE B 223 -3.51 2.44 -15.49
N PRO B 224 -4.73 2.21 -16.06
CA PRO B 224 -5.91 1.97 -15.24
C PRO B 224 -5.76 0.60 -14.57
N ARG B 225 -6.25 0.49 -13.33
CA ARG B 225 -6.32 -0.82 -12.68
C ARG B 225 -7.68 -1.43 -13.00
N ILE B 226 -7.70 -2.76 -13.14
CA ILE B 226 -8.87 -3.45 -13.66
C ILE B 226 -9.62 -4.14 -12.53
N ALA B 227 -10.84 -3.67 -12.27
CA ALA B 227 -11.68 -4.20 -11.21
C ALA B 227 -12.82 -5.01 -11.82
N PHE B 228 -13.11 -6.17 -11.23
CA PHE B 228 -14.25 -6.97 -11.61
C PHE B 228 -15.41 -6.72 -10.66
N PHE B 229 -16.60 -6.48 -11.23
CA PHE B 229 -17.83 -6.41 -10.46
C PHE B 229 -18.83 -7.43 -11.02
N SER B 230 -19.69 -7.94 -10.14
CA SER B 230 -20.77 -8.82 -10.59
C SER B 230 -21.67 -8.03 -11.54
N SER B 231 -22.04 -8.64 -12.67
CA SER B 231 -22.90 -7.98 -13.64
C SER B 231 -24.36 -8.35 -13.36
N ARG B 232 -24.55 -9.31 -12.45
CA ARG B 232 -25.86 -9.71 -11.96
C ARG B 232 -25.68 -10.37 -10.61
N ASP B 233 -26.77 -10.87 -10.03
CA ASP B 233 -26.67 -11.58 -8.77
C ASP B 233 -25.92 -12.89 -9.02
N ILE B 234 -25.19 -13.38 -8.00
CA ILE B 234 -24.43 -14.59 -8.14
C ILE B 234 -24.75 -15.53 -6.98
N ARG B 235 -25.21 -16.74 -7.31
CA ARG B 235 -25.59 -17.74 -6.35
C ARG B 235 -24.31 -18.39 -5.80
N THR B 236 -24.42 -19.00 -4.61
CA THR B 236 -23.31 -19.71 -4.01
C THR B 236 -22.91 -20.87 -4.92
N GLY B 237 -21.59 -21.05 -5.08
CA GLY B 237 -21.06 -22.13 -5.88
C GLY B 237 -20.89 -21.74 -7.35
N GLU B 238 -21.70 -20.79 -7.80
CA GLU B 238 -21.67 -20.33 -9.18
C GLU B 238 -20.25 -19.94 -9.55
N GLU B 239 -19.81 -20.36 -10.74
CA GLU B 239 -18.46 -20.04 -11.18
C GLU B 239 -18.44 -18.62 -11.75
N LEU B 240 -17.37 -17.88 -11.44
CA LEU B 240 -17.17 -16.56 -12.00
C LEU B 240 -16.50 -16.68 -13.36
N GLY B 241 -16.73 -15.69 -14.22
CA GLY B 241 -16.12 -15.67 -15.54
C GLY B 241 -16.57 -14.45 -16.33
N PHE B 242 -15.64 -13.90 -17.13
CA PHE B 242 -15.91 -12.74 -17.94
C PHE B 242 -15.66 -13.10 -19.40
N ASP B 243 -16.32 -12.39 -20.32
CA ASP B 243 -16.10 -12.61 -21.74
C ASP B 243 -14.70 -12.16 -22.09
N TYR B 244 -13.83 -13.13 -22.43
CA TYR B 244 -12.43 -12.88 -22.72
C TYR B 244 -12.30 -12.01 -23.96
N GLY B 245 -13.39 -11.86 -24.72
CA GLY B 245 -13.35 -11.08 -25.95
C GLY B 245 -12.81 -11.90 -27.11
N ASP B 246 -13.05 -11.42 -28.33
CA ASP B 246 -12.85 -12.20 -29.54
C ASP B 246 -11.36 -12.32 -29.88
N ARG B 247 -10.52 -11.42 -29.33
CA ARG B 247 -9.09 -11.45 -29.64
C ARG B 247 -8.51 -12.80 -29.25
N PHE B 248 -8.88 -13.25 -28.04
CA PHE B 248 -8.38 -14.47 -27.44
C PHE B 248 -8.82 -15.67 -28.28
N TRP B 249 -10.12 -15.71 -28.60
CA TRP B 249 -10.72 -16.89 -29.20
C TRP B 249 -10.26 -17.07 -30.64
N ASP B 250 -10.05 -15.95 -31.34
CA ASP B 250 -9.61 -16.01 -32.72
C ASP B 250 -8.17 -16.51 -32.77
N ILE B 251 -7.55 -16.64 -31.60
CA ILE B 251 -6.20 -17.18 -31.51
C ILE B 251 -6.28 -18.63 -31.04
N LYS B 252 -7.15 -18.88 -30.07
CA LYS B 252 -7.09 -20.12 -29.30
C LYS B 252 -8.06 -21.16 -29.87
N SER B 253 -8.94 -20.74 -30.78
CA SER B 253 -9.96 -21.64 -31.32
C SER B 253 -9.33 -22.92 -31.85
N LYS B 254 -8.27 -22.75 -32.66
CA LYS B 254 -7.63 -23.85 -33.37
C LYS B 254 -6.88 -24.74 -32.39
N TYR B 255 -6.64 -24.25 -31.17
CA TYR B 255 -5.90 -25.01 -30.18
C TYR B 255 -6.86 -25.84 -29.34
N PHE B 256 -7.95 -25.19 -28.89
CA PHE B 256 -9.00 -25.84 -28.12
C PHE B 256 -10.30 -25.05 -28.30
N THR B 257 -11.34 -25.45 -27.56
CA THR B 257 -12.65 -24.86 -27.71
C THR B 257 -13.31 -24.68 -26.34
N CYS B 258 -14.35 -23.83 -26.31
CA CYS B 258 -14.97 -23.37 -25.07
C CYS B 258 -15.78 -24.48 -24.42
N GLN B 259 -15.69 -24.57 -23.09
CA GLN B 259 -16.37 -25.62 -22.33
C GLN B 259 -17.32 -24.98 -21.33
N CYS B 260 -17.64 -23.70 -21.52
CA CYS B 260 -18.43 -22.96 -20.55
C CYS B 260 -19.74 -23.70 -20.29
N GLY B 261 -20.25 -24.39 -21.31
CA GLY B 261 -21.42 -25.25 -21.16
C GLY B 261 -22.73 -24.49 -21.38
N SER B 262 -22.63 -23.20 -21.72
CA SER B 262 -23.80 -22.35 -21.84
C SER B 262 -24.60 -22.71 -23.08
N GLU B 263 -25.92 -22.51 -23.00
CA GLU B 263 -26.80 -22.67 -24.14
C GLU B 263 -26.59 -21.51 -25.12
N LYS B 264 -25.93 -20.44 -24.62
CA LYS B 264 -25.70 -19.25 -25.42
C LYS B 264 -24.24 -19.21 -25.88
N CYS B 265 -23.55 -20.36 -25.71
CA CYS B 265 -22.11 -20.46 -25.92
C CYS B 265 -21.77 -20.24 -27.40
N LYS B 266 -20.68 -19.50 -27.64
CA LYS B 266 -20.36 -19.02 -28.98
C LYS B 266 -18.93 -19.36 -29.35
N HIS B 267 -18.31 -20.30 -28.62
CA HIS B 267 -16.94 -20.69 -28.93
C HIS B 267 -16.75 -22.18 -28.75
N SER B 268 -17.87 -22.91 -28.60
CA SER B 268 -17.83 -24.35 -28.43
C SER B 268 -17.47 -25.04 -29.75
N ALA B 269 -17.12 -26.32 -29.65
CA ALA B 269 -16.86 -27.14 -30.83
C ALA B 269 -18.08 -27.06 -31.75
N GLU B 270 -19.27 -27.19 -31.17
CA GLU B 270 -20.52 -27.13 -31.91
C GLU B 270 -20.64 -25.78 -32.61
N ALA B 271 -20.46 -24.69 -31.84
CA ALA B 271 -20.68 -23.34 -32.33
C ALA B 271 -19.65 -22.97 -33.39
N ILE B 272 -18.39 -23.35 -33.15
CA ILE B 272 -17.28 -23.00 -34.04
C ILE B 272 -17.49 -23.68 -35.40
N ALA B 273 -18.19 -24.82 -35.39
CA ALA B 273 -18.44 -25.56 -36.62
C ALA B 273 -19.74 -25.07 -37.26
N LEU B 274 -20.64 -24.54 -36.41
CA LEU B 274 -21.97 -24.11 -36.85
C LEU B 274 -21.88 -22.82 -37.65
N GLU B 275 -20.89 -21.98 -37.32
CA GLU B 275 -20.71 -20.72 -38.02
C GLU B 275 -19.67 -20.90 -39.13
N GLN B 276 -18.82 -21.92 -38.97
CA GLN B 276 -17.85 -22.28 -39.99
C GLN B 276 -18.59 -22.70 -41.25
N SER B 277 -19.73 -23.39 -41.05
CA SER B 277 -20.52 -23.89 -42.17
C SER B 277 -21.71 -22.96 -42.46
N ARG B 278 -22.19 -22.26 -41.42
CA ARG B 278 -23.23 -21.26 -41.59
C ARG B 278 -22.73 -20.21 -42.57
N LEU B 279 -21.46 -20.32 -42.95
CA LEU B 279 -20.86 -19.48 -43.96
C LEU B 279 -20.86 -20.22 -45.29
N ALA B 280 -20.05 -21.28 -45.38
CA ALA B 280 -19.95 -22.08 -46.60
C ALA B 280 -21.09 -23.10 -46.65
ZN ZN C . 8.90 -13.42 5.94
ZN ZN D . 11.34 -12.69 3.47
ZN ZN E . 12.15 -15.34 5.82
ZN ZN F . 17.45 20.22 25.18
N SAM G . 6.75 21.55 17.56
CA SAM G . 6.71 21.51 16.08
C SAM G . 5.41 22.14 15.58
O SAM G . 4.61 22.57 16.45
OXT SAM G . 5.22 22.17 14.34
CB SAM G . 6.80 20.06 15.58
CG SAM G . 8.21 19.56 15.36
SD SAM G . 8.87 20.41 13.92
CE SAM G . 9.51 19.06 12.94
C5' SAM G . 10.39 21.08 14.64
C4' SAM G . 10.27 22.52 15.09
O4' SAM G . 9.55 22.58 16.35
C3' SAM G . 11.59 23.25 15.34
O3' SAM G . 12.04 23.96 14.19
C2' SAM G . 11.18 24.24 16.43
O2' SAM G . 10.48 25.33 15.88
C1' SAM G . 10.27 23.35 17.28
N9 SAM G . 10.98 22.46 18.18
C8 SAM G . 11.12 21.11 18.05
N7 SAM G . 11.81 20.55 19.01
C5 SAM G . 12.16 21.61 19.85
C6 SAM G . 12.88 21.67 21.04
N6 SAM G . 13.42 20.60 21.63
N1 SAM G . 13.05 22.88 21.61
C2 SAM G . 12.50 23.94 21.02
N3 SAM G . 11.79 24.01 19.90
C4 SAM G . 11.65 22.79 19.34
C2 F80 H . 21.12 16.98 2.24
C1 F80 H . 20.45 18.13 2.96
N1 F80 H . 20.05 17.89 4.22
C3 F80 H . 20.23 19.37 2.34
C5 F80 H . 19.59 20.33 3.12
N2 F80 H . 19.33 21.60 2.60
C4 F80 H . 18.66 22.60 3.44
N3 F80 H . 19.20 20.06 4.38
C20 F80 H . 19.45 18.86 4.88
N5 F80 H . 19.07 18.57 6.17
C6 F80 H . 18.60 19.37 7.21
C8 F80 H . 18.95 20.73 7.25
C9 F80 H . 18.49 21.56 8.29
C11 F80 H . 17.68 21.04 9.32
O1 F80 H . 17.22 21.86 10.33
C10 F80 H . 17.62 23.23 10.31
C7 F80 H . 17.79 18.84 8.24
C19 F80 H . 17.32 19.68 9.28
C12 F80 H . 16.47 19.09 10.36
C17 F80 H . 15.19 19.47 10.47
C16 F80 H . 14.17 18.98 11.49
N4 F80 H . 13.97 17.54 11.45
C15 F80 H . 15.01 16.86 12.20
C14 F80 H . 16.31 16.75 11.40
C13 F80 H . 17.08 18.08 11.31
ZN ZN I . -13.50 10.79 -0.67
ZN ZN J . -11.94 12.47 -3.73
ZN ZN K . -15.06 13.80 -2.49
ZN ZN L . -18.72 -20.59 -24.24
N SAM M . -8.58 -22.43 -15.94
CA SAM M . -7.26 -21.76 -16.08
C SAM M . -6.21 -22.53 -15.27
O SAM M . -6.51 -23.69 -14.91
OXT SAM M . -5.13 -21.95 -15.03
CB SAM M . -7.32 -20.31 -15.60
CG SAM M . -7.84 -19.33 -16.64
SD SAM M . -6.46 -18.75 -17.64
CE SAM M . -6.58 -16.97 -17.50
C5' SAM M . -7.16 -19.03 -19.29
C4' SAM M . -6.93 -20.47 -19.74
O4' SAM M . -7.80 -21.36 -19.01
C3' SAM M . -7.20 -20.76 -21.21
O3' SAM M . -6.02 -20.58 -22.00
C2' SAM M . -7.61 -22.24 -21.15
O2' SAM M . -6.49 -23.08 -20.96
C1' SAM M . -8.47 -22.23 -19.89
N9 SAM M . -9.82 -21.73 -20.11
C8 SAM M . -10.34 -20.56 -19.63
N7 SAM M . -11.59 -20.37 -19.98
C5 SAM M . -11.92 -21.49 -20.73
C6 SAM M . -13.10 -21.88 -21.38
N6 SAM M . -14.22 -21.17 -21.37
N1 SAM M . -13.09 -23.06 -22.04
C2 SAM M . -11.95 -23.78 -22.04
N3 SAM M . -10.79 -23.50 -21.47
C4 SAM M . -10.83 -22.33 -20.82
C2 F80 N . -1.10 -5.32 -27.01
C1 F80 N . -1.04 -6.83 -26.94
N1 F80 N . -2.14 -7.41 -26.43
C3 F80 N . 0.07 -7.57 -27.35
C5 F80 N . -0.03 -8.96 -27.23
N2 F80 N . 1.03 -9.79 -27.64
C4 F80 N . 0.98 -11.23 -27.51
N3 F80 N . -1.14 -9.53 -26.71
C20 F80 N . -2.14 -8.73 -26.34
N5 F80 N . -3.29 -9.27 -25.81
C6 F80 N . -3.78 -10.59 -25.72
C8 F80 N . -3.32 -11.56 -26.62
C9 F80 N . -3.79 -12.89 -26.55
C11 F80 N . -4.72 -13.26 -25.57
O1 F80 N . -5.19 -14.56 -25.48
C10 F80 N . -4.68 -15.49 -26.43
C7 F80 N . -4.72 -10.95 -24.72
C19 F80 N . -5.20 -12.30 -24.65
C12 F80 N . -6.15 -12.70 -23.60
C17 F80 N . -5.67 -13.51 -22.63
C16 F80 N . -6.32 -14.13 -21.41
N4 F80 N . -7.08 -13.20 -20.60
C15 F80 N . -8.33 -12.85 -21.26
C14 F80 N . -8.16 -11.74 -22.31
C13 F80 N . -7.60 -12.23 -23.66
#